data_2BB7
#
_entry.id   2BB7
#
_cell.length_a   38.039
_cell.length_b   60.416
_cell.length_c   50.521
_cell.angle_alpha   90.00
_cell.angle_beta   104.40
_cell.angle_gamma   90.00
#
_symmetry.space_group_name_H-M   'P 1 21 1'
#
loop_
_entity.id
_entity.type
_entity.pdbx_description
1 polymer 'Methionine aminopeptidase'
2 non-polymer 'MANGANESE (II) ION'
3 non-polymer 'SODIUM ION'
4 non-polymer N-(QUINOLIN-8-YL)METHANESULFONAMIDE
5 water water
#
_entity_poly.entity_id   1
_entity_poly.type   'polypeptide(L)'
_entity_poly.pdbx_seq_one_letter_code
;MAISIKTPEDIEKMRVAGRLAAEVLEMIEPYVKPGVSTGELDRICNDYIVNEQHAVSACLGYHGYPKSVCISINEVVCHG
IPDDAKLLKDGDIVNIDVTVIKDGFHGDTSKMFIVGKPTIMGERLCRITQESLYLALRMVKPGINLREIGAAIQKFVEAE
GFSVVREYCGHGIGRGFHEEPQVLHYDSRETNVVLKPGMTFTIEPMVNAGKKEIRTMKDGWTVKTKDRSLSAQYEHTIVV
TDNGCEILTLRKDDTIPAIISHDE
;
_entity_poly.pdbx_strand_id   A
#
loop_
_chem_comp.id
_chem_comp.type
_chem_comp.name
_chem_comp.formula
MN non-polymer 'MANGANESE (II) ION' 'Mn 2'
NA non-polymer 'SODIUM ION' 'Na 1'
QMS non-polymer N-(QUINOLIN-8-YL)METHANESULFONAMIDE 'C10 H10 N2 O2 S'
#
# COMPACT_ATOMS: atom_id res chain seq x y z
N ILE A 5 -16.64 12.32 -3.80
CA ILE A 5 -16.80 13.07 -2.51
C ILE A 5 -17.77 12.31 -1.58
N LYS A 6 -17.24 11.85 -0.45
CA LYS A 6 -17.99 11.02 0.48
C LYS A 6 -18.74 11.85 1.52
N THR A 7 -19.91 11.35 1.92
CA THR A 7 -20.71 11.94 3.00
C THR A 7 -20.09 11.63 4.38
N PRO A 8 -20.43 12.43 5.42
CA PRO A 8 -19.94 12.13 6.78
C PRO A 8 -20.16 10.67 7.23
N GLU A 9 -21.31 10.11 6.89
CA GLU A 9 -21.63 8.74 7.28
C GLU A 9 -20.81 7.73 6.51
N ASP A 10 -20.55 8.02 5.22
CA ASP A 10 -19.69 7.18 4.40
C ASP A 10 -18.23 7.25 4.85
N ILE A 11 -17.76 8.46 5.14
CA ILE A 11 -16.43 8.64 5.76
C ILE A 11 -16.30 7.79 7.05
N GLU A 12 -17.37 7.72 7.85
CA GLU A 12 -17.33 6.91 9.06
C GLU A 12 -17.16 5.43 8.74
N LYS A 13 -17.88 4.98 7.71
CA LYS A 13 -17.76 3.61 7.24
C LYS A 13 -16.34 3.33 6.72
N MET A 14 -15.72 4.33 6.09
CA MET A 14 -14.32 4.21 5.64
C MET A 14 -13.35 4.18 6.80
N ARG A 15 -13.65 4.86 7.90
CA ARG A 15 -12.80 4.76 9.12
C ARG A 15 -12.84 3.34 9.64
N VAL A 16 -14.03 2.75 9.68
CA VAL A 16 -14.18 1.39 10.18
C VAL A 16 -13.38 0.40 9.31
N ALA A 17 -13.60 0.48 8.00
CA ALA A 17 -12.95 -0.44 7.03
C ALA A 17 -11.44 -0.21 7.04
N GLY A 18 -11.03 1.05 7.12
CA GLY A 18 -9.60 1.38 7.11
C GLY A 18 -8.90 0.90 8.37
N ARG A 19 -9.58 1.04 9.52
CA ARG A 19 -9.06 0.48 10.77
C ARG A 19 -8.87 -1.02 10.71
N LEU A 20 -9.88 -1.73 10.19
CA LEU A 20 -9.79 -3.18 10.01
C LEU A 20 -8.61 -3.56 9.14
N ALA A 21 -8.41 -2.85 8.02
CA ALA A 21 -7.27 -3.16 7.15
C ALA A 21 -5.93 -3.00 7.90
N ALA A 22 -5.80 -1.88 8.62
CA ALA A 22 -4.61 -1.60 9.42
C ALA A 22 -4.38 -2.69 10.43
N GLU A 23 -5.47 -3.14 11.06
CA GLU A 23 -5.39 -4.15 12.11
C GLU A 23 -4.98 -5.54 11.59
N VAL A 24 -5.31 -5.86 10.33
CA VAL A 24 -4.76 -7.07 9.77
C VAL A 24 -3.24 -7.02 9.79
N LEU A 25 -2.67 -5.88 9.39
CA LEU A 25 -1.20 -5.70 9.38
C LEU A 25 -0.58 -5.75 10.77
N GLU A 26 -1.28 -5.17 11.74
CA GLU A 26 -0.82 -5.24 13.14
C GLU A 26 -0.84 -6.70 13.65
N MET A 27 -1.93 -7.39 13.33
CA MET A 27 -2.12 -8.78 13.74
C MET A 27 -1.05 -9.71 13.18
N ILE A 28 -0.69 -9.50 11.91
CA ILE A 28 0.13 -10.49 11.23
C ILE A 28 1.62 -10.40 11.60
N GLU A 29 2.00 -9.24 12.13
CA GLU A 29 3.39 -8.88 12.33
C GLU A 29 4.27 -9.94 13.02
N PRO A 30 3.81 -10.48 14.17
CA PRO A 30 4.65 -11.46 14.86
C PRO A 30 4.81 -12.77 14.11
N TYR A 31 3.93 -13.03 13.13
CA TYR A 31 4.03 -14.25 12.32
C TYR A 31 5.04 -14.09 11.19
N VAL A 32 5.45 -12.84 10.90
CA VAL A 32 6.37 -12.57 9.78
C VAL A 32 7.82 -12.82 10.20
N LYS A 33 8.19 -14.10 10.12
CA LYS A 33 9.45 -14.62 10.68
C LYS A 33 10.12 -15.57 9.72
N PRO A 34 11.45 -15.74 9.85
CA PRO A 34 12.13 -16.70 8.99
C PRO A 34 11.47 -18.06 9.14
N GLY A 35 11.17 -18.70 8.02
CA GLY A 35 10.64 -20.05 8.02
C GLY A 35 9.16 -20.20 7.69
N VAL A 36 8.38 -19.12 7.90
CA VAL A 36 6.94 -19.15 7.60
C VAL A 36 6.69 -19.10 6.08
N SER A 37 5.62 -19.76 5.63
CA SER A 37 5.25 -19.67 4.22
C SER A 37 4.30 -18.49 3.97
N THR A 38 4.44 -17.86 2.82
CA THR A 38 3.48 -16.81 2.46
C THR A 38 2.05 -17.39 2.39
N GLY A 39 1.94 -18.68 2.02
CA GLY A 39 0.65 -19.36 2.02
C GLY A 39 -0.02 -19.30 3.38
N GLU A 40 0.73 -19.65 4.42
CA GLU A 40 0.15 -19.64 5.77
C GLU A 40 -0.21 -18.23 6.26
N LEU A 41 0.66 -17.26 5.97
CA LEU A 41 0.42 -15.88 6.30
C LEU A 41 -0.93 -15.46 5.72
N ASP A 42 -1.19 -15.85 4.48
CA ASP A 42 -2.46 -15.53 3.87
C ASP A 42 -3.69 -16.17 4.56
N ARG A 43 -3.58 -17.45 4.95
CA ARG A 43 -4.64 -18.13 5.69
C ARG A 43 -4.94 -17.44 7.01
N ILE A 44 -3.89 -17.05 7.74
CA ILE A 44 -4.01 -16.35 9.01
C ILE A 44 -4.74 -15.01 8.81
N CYS A 45 -4.36 -14.27 7.76
CA CYS A 45 -5.05 -13.04 7.45
C CYS A 45 -6.53 -13.27 7.13
N ASN A 46 -6.81 -14.25 6.28
CA ASN A 46 -8.17 -14.47 5.87
C ASN A 46 -9.07 -14.93 7.02
N ASP A 47 -8.55 -15.81 7.86
CA ASP A 47 -9.28 -16.25 9.06
C ASP A 47 -9.62 -15.07 9.98
N TYR A 48 -8.66 -14.17 10.16
CA TYR A 48 -8.84 -13.00 11.01
C TYR A 48 -9.90 -12.11 10.42
N ILE A 49 -9.84 -11.87 9.11
CA ILE A 49 -10.77 -10.95 8.47
C ILE A 49 -12.22 -11.48 8.53
N VAL A 50 -12.40 -12.73 8.14
CA VAL A 50 -13.75 -13.33 8.12
C VAL A 50 -14.29 -13.59 9.54
N ASN A 51 -13.46 -14.18 10.39
CA ASN A 51 -13.93 -14.72 11.67
C ASN A 51 -13.89 -13.77 12.85
N GLU A 52 -12.85 -12.92 12.89
CA GLU A 52 -12.74 -11.96 13.98
C GLU A 52 -13.24 -10.57 13.58
N GLN A 53 -12.90 -10.12 12.37
CA GLN A 53 -13.38 -8.82 11.93
C GLN A 53 -14.79 -8.80 11.34
N HIS A 54 -15.37 -9.97 11.07
CA HIS A 54 -16.64 -10.07 10.34
C HIS A 54 -16.63 -9.20 9.09
N ALA A 55 -15.50 -9.23 8.38
CA ALA A 55 -15.35 -8.50 7.12
C ALA A 55 -15.03 -9.50 5.99
N VAL A 56 -14.70 -9.00 4.79
CA VAL A 56 -14.24 -9.85 3.69
C VAL A 56 -12.95 -9.25 3.10
N SER A 57 -12.06 -10.11 2.61
CA SER A 57 -10.97 -9.64 1.73
C SER A 57 -11.54 -9.11 0.43
N ALA A 58 -11.28 -7.85 0.11
CA ALA A 58 -11.62 -7.31 -1.20
C ALA A 58 -10.85 -7.99 -2.33
N CYS A 59 -9.66 -8.52 -2.04
CA CYS A 59 -8.77 -9.08 -3.06
C CYS A 59 -9.24 -10.43 -3.57
N LEU A 60 -9.82 -11.23 -2.68
CA LEU A 60 -10.17 -12.61 -2.97
C LEU A 60 -11.28 -12.62 -4.02
N GLY A 61 -10.93 -13.10 -5.22
CA GLY A 61 -11.89 -13.15 -6.33
C GLY A 61 -11.87 -11.93 -7.22
N TYR A 62 -11.31 -10.84 -6.69
CA TYR A 62 -11.30 -9.56 -7.43
C TYR A 62 -10.58 -9.64 -8.75
N HIS A 63 -11.34 -9.41 -9.83
CA HIS A 63 -10.78 -9.60 -11.16
C HIS A 63 -10.08 -10.97 -11.28
N GLY A 64 -10.56 -11.96 -10.51
CA GLY A 64 -10.02 -13.31 -10.57
C GLY A 64 -8.86 -13.64 -9.62
N TYR A 65 -8.50 -12.71 -8.74
CA TYR A 65 -7.35 -12.93 -7.84
C TYR A 65 -7.62 -14.10 -6.87
N PRO A 66 -6.69 -15.08 -6.79
CA PRO A 66 -6.93 -16.35 -6.06
C PRO A 66 -6.79 -16.29 -4.53
N LYS A 67 -6.16 -15.23 -4.00
CA LYS A 67 -5.87 -15.24 -2.56
C LYS A 67 -6.43 -14.00 -1.85
N SER A 68 -6.24 -13.96 -0.54
CA SER A 68 -6.85 -12.92 0.28
C SER A 68 -5.99 -11.68 0.46
N VAL A 69 -4.68 -11.84 0.41
CA VAL A 69 -3.76 -10.69 0.50
C VAL A 69 -2.68 -10.89 -0.58
N CYS A 70 -1.92 -9.85 -0.90
CA CYS A 70 -0.75 -9.95 -1.80
C CYS A 70 0.50 -9.90 -0.95
N ILE A 71 1.37 -10.87 -1.15
CA ILE A 71 2.61 -10.89 -0.37
C ILE A 71 3.79 -10.92 -1.31
N SER A 72 4.59 -9.86 -1.25
CA SER A 72 5.62 -9.62 -2.26
C SER A 72 6.97 -9.55 -1.57
N ILE A 73 7.91 -10.38 -2.04
CA ILE A 73 9.24 -10.53 -1.41
C ILE A 73 10.37 -9.98 -2.30
N ASN A 74 11.23 -9.14 -1.71
CA ASN A 74 12.46 -8.67 -2.38
C ASN A 74 12.19 -8.10 -3.78
N GLU A 75 12.63 -8.77 -4.86
CA GLU A 75 12.52 -8.24 -6.22
C GLU A 75 11.07 -8.23 -6.80
N VAL A 76 10.14 -8.91 -6.13
CA VAL A 76 8.71 -8.86 -6.51
C VAL A 76 8.17 -7.47 -6.14
N VAL A 77 7.63 -6.75 -7.13
CA VAL A 77 7.16 -5.38 -6.91
C VAL A 77 5.76 -5.31 -6.27
N CYS A 78 4.88 -6.19 -6.75
CA CYS A 78 3.53 -6.23 -6.25
C CYS A 78 2.83 -7.50 -6.71
N HIS A 79 1.69 -7.78 -6.08
CA HIS A 79 0.80 -8.87 -6.49
C HIS A 79 1.42 -10.26 -6.32
N GLY A 80 2.39 -10.39 -5.44
CA GLY A 80 2.93 -11.73 -5.08
C GLY A 80 1.81 -12.60 -4.54
N ILE A 81 1.69 -13.82 -5.09
CA ILE A 81 0.60 -14.72 -4.72
C ILE A 81 1.06 -15.63 -3.60
N PRO A 82 0.41 -15.51 -2.43
CA PRO A 82 0.76 -16.44 -1.34
C PRO A 82 0.84 -17.88 -1.81
N ASP A 83 1.85 -18.57 -1.34
CA ASP A 83 2.04 -19.96 -1.75
C ASP A 83 2.65 -20.77 -0.63
N ASP A 84 2.16 -22.01 -0.46
CA ASP A 84 2.56 -22.85 0.67
C ASP A 84 4.04 -23.22 0.60
N ALA A 85 4.63 -23.14 -0.59
CA ALA A 85 6.04 -23.48 -0.80
C ALA A 85 7.04 -22.33 -0.73
N LYS A 86 6.55 -21.08 -0.63
CA LYS A 86 7.45 -19.92 -0.58
C LYS A 86 7.72 -19.53 0.87
N LEU A 87 8.94 -19.80 1.34
CA LEU A 87 9.28 -19.56 2.74
C LEU A 87 10.06 -18.28 2.90
N LEU A 88 9.78 -17.56 3.97
CA LEU A 88 10.52 -16.35 4.27
C LEU A 88 11.90 -16.70 4.80
N LYS A 89 12.89 -15.90 4.45
CA LYS A 89 14.22 -16.15 4.99
C LYS A 89 14.89 -14.87 5.50
N ASP A 90 15.86 -15.07 6.40
CA ASP A 90 16.70 -14.01 6.92
C ASP A 90 17.12 -13.02 5.84
N GLY A 91 16.99 -11.73 6.16
CA GLY A 91 17.32 -10.64 5.23
C GLY A 91 16.26 -10.27 4.19
N ASP A 92 15.14 -11.02 4.11
CA ASP A 92 14.10 -10.67 3.12
C ASP A 92 13.40 -9.38 3.51
N ILE A 93 12.99 -8.62 2.51
CA ILE A 93 11.99 -7.56 2.73
C ILE A 93 10.67 -8.05 2.12
N VAL A 94 9.58 -7.82 2.84
CA VAL A 94 8.29 -8.39 2.45
C VAL A 94 7.18 -7.35 2.57
N ASN A 95 6.43 -7.10 1.47
CA ASN A 95 5.21 -6.29 1.57
C ASN A 95 3.99 -7.18 1.72
N ILE A 96 3.07 -6.83 2.64
CA ILE A 96 1.77 -7.48 2.70
C ILE A 96 0.78 -6.34 2.43
N ASP A 97 0.02 -6.52 1.37
CA ASP A 97 -0.96 -5.59 0.91
C ASP A 97 -2.36 -6.16 1.15
N VAL A 98 -3.08 -5.42 1.97
CA VAL A 98 -4.38 -5.81 2.48
C VAL A 98 -5.49 -4.88 1.95
N THR A 99 -6.62 -5.46 1.57
CA THR A 99 -7.82 -4.67 1.36
C THR A 99 -8.99 -5.44 1.93
N VAL A 100 -9.76 -4.75 2.79
CA VAL A 100 -10.95 -5.36 3.41
C VAL A 100 -12.18 -4.58 3.00
N ILE A 101 -13.29 -5.28 2.78
CA ILE A 101 -14.57 -4.60 2.64
C ILE A 101 -15.39 -4.85 3.92
N LYS A 102 -15.94 -3.76 4.45
CA LYS A 102 -16.78 -3.86 5.63
C LYS A 102 -17.92 -2.87 5.44
N ASP A 103 -19.16 -3.36 5.57
CA ASP A 103 -20.34 -2.52 5.45
C ASP A 103 -20.31 -1.76 4.10
N GLY A 104 -19.81 -2.43 3.05
CA GLY A 104 -19.84 -1.93 1.67
C GLY A 104 -18.65 -1.06 1.26
N PHE A 105 -17.74 -0.77 2.21
CA PHE A 105 -16.68 0.22 1.94
C PHE A 105 -15.31 -0.42 2.09
N HIS A 106 -14.36 0.02 1.25
CA HIS A 106 -13.01 -0.58 1.16
C HIS A 106 -11.99 0.16 2.02
N GLY A 107 -11.09 -0.61 2.67
CA GLY A 107 -9.95 -0.05 3.40
C GLY A 107 -8.71 -0.75 2.84
N ASP A 108 -7.70 0.02 2.46
CA ASP A 108 -6.63 -0.51 1.60
C ASP A 108 -5.28 0.00 2.14
N THR A 109 -4.41 -0.91 2.58
CA THR A 109 -3.13 -0.47 3.10
C THR A 109 -2.08 -1.57 2.97
N SER A 110 -0.82 -1.15 2.95
CA SER A 110 0.29 -2.15 2.92
C SER A 110 1.48 -1.61 3.66
N LYS A 111 2.37 -2.49 4.10
CA LYS A 111 3.61 -2.07 4.70
C LYS A 111 4.68 -3.10 4.42
N MET A 112 5.93 -2.69 4.65
CA MET A 112 7.08 -3.58 4.56
C MET A 112 7.36 -4.18 5.93
N PHE A 113 7.77 -5.44 5.90
CA PHE A 113 8.34 -6.16 7.05
C PHE A 113 9.76 -6.57 6.67
N ILE A 114 10.69 -6.40 7.59
CA ILE A 114 12.04 -6.95 7.38
C ILE A 114 12.19 -8.23 8.22
N VAL A 115 12.63 -9.31 7.56
CA VAL A 115 12.65 -10.66 8.12
C VAL A 115 14.07 -10.93 8.63
N GLY A 116 14.15 -11.39 9.87
CA GLY A 116 15.43 -11.77 10.48
C GLY A 116 16.36 -10.59 10.61
N LYS A 117 17.66 -10.84 10.40
CA LYS A 117 18.65 -9.78 10.42
C LYS A 117 18.44 -8.81 9.26
N PRO A 118 18.09 -7.55 9.59
CA PRO A 118 17.96 -6.61 8.49
C PRO A 118 19.29 -6.40 7.79
N THR A 119 19.23 -6.24 6.47
CA THR A 119 20.38 -5.73 5.73
C THR A 119 20.24 -4.21 5.69
N ILE A 120 21.38 -3.53 5.63
CA ILE A 120 21.38 -2.09 5.65
C ILE A 120 20.61 -1.54 4.44
N MET A 121 20.77 -2.19 3.29
CA MET A 121 20.16 -1.69 2.06
C MET A 121 18.63 -1.91 1.98
N GLY A 122 18.19 -3.07 2.42
CA GLY A 122 16.76 -3.34 2.69
C GLY A 122 16.16 -2.33 3.64
N GLU A 123 16.80 -2.13 4.80
CA GLU A 123 16.33 -1.14 5.80
C GLU A 123 16.19 0.25 5.16
N ARG A 124 17.18 0.63 4.35
CA ARG A 124 17.21 1.93 3.70
C ARG A 124 16.09 2.08 2.68
N LEU A 125 16.00 1.14 1.74
CA LEU A 125 14.92 1.18 0.75
C LEU A 125 13.55 1.25 1.41
N CYS A 126 13.35 0.47 2.47
CA CYS A 126 12.03 0.45 3.15
C CYS A 126 11.75 1.80 3.81
N ARG A 127 12.75 2.35 4.49
CA ARG A 127 12.56 3.63 5.22
C ARG A 127 12.27 4.78 4.25
N ILE A 128 13.02 4.81 3.14
CA ILE A 128 12.90 5.86 2.13
C ILE A 128 11.51 5.77 1.47
N THR A 129 11.10 4.54 1.15
CA THR A 129 9.76 4.35 0.56
C THR A 129 8.66 4.85 1.53
N GLN A 130 8.74 4.49 2.80
CA GLN A 130 7.75 5.00 3.75
C GLN A 130 7.80 6.53 3.82
N GLU A 131 9.01 7.09 3.88
CA GLU A 131 9.18 8.54 3.91
C GLU A 131 8.58 9.20 2.69
N SER A 132 8.66 8.53 1.55
CA SER A 132 8.07 9.09 0.33
C SER A 132 6.54 9.12 0.45
N LEU A 133 5.96 8.10 1.08
CA LEU A 133 4.49 8.12 1.35
C LEU A 133 4.16 9.27 2.34
N TYR A 134 4.97 9.37 3.40
CA TYR A 134 4.82 10.39 4.43
C TYR A 134 4.87 11.82 3.89
N LEU A 135 5.89 12.15 3.09
CA LEU A 135 5.97 13.51 2.50
C LEU A 135 4.74 13.80 1.61
N ALA A 136 4.27 12.78 0.88
CA ALA A 136 3.06 12.92 0.08
C ALA A 136 1.88 13.24 1.00
N LEU A 137 1.79 12.53 2.13
CA LEU A 137 0.62 12.70 2.98
C LEU A 137 0.62 14.08 3.60
N ARG A 138 1.80 14.61 3.91
CA ARG A 138 1.92 15.95 4.50
C ARG A 138 1.55 17.05 3.52
N MET A 139 1.59 16.77 2.22
CA MET A 139 1.17 17.73 1.17
C MET A 139 -0.33 17.81 0.95
N VAL A 140 -1.07 16.75 1.33
CA VAL A 140 -2.48 16.64 0.96
C VAL A 140 -3.38 17.66 1.65
N LYS A 141 -4.10 18.42 0.83
CA LYS A 141 -5.08 19.41 1.31
C LYS A 141 -5.85 19.91 0.09
N PRO A 142 -7.06 20.45 0.31
CA PRO A 142 -7.80 20.96 -0.86
C PRO A 142 -7.03 22.03 -1.63
N GLY A 143 -7.20 22.06 -2.95
CA GLY A 143 -6.52 23.08 -3.79
C GLY A 143 -5.19 22.64 -4.36
N ILE A 144 -4.61 21.58 -3.82
CA ILE A 144 -3.37 21.04 -4.35
C ILE A 144 -3.68 20.09 -5.52
N ASN A 145 -2.83 20.12 -6.55
CA ASN A 145 -3.01 19.17 -7.64
C ASN A 145 -2.30 17.85 -7.34
N LEU A 146 -2.92 16.73 -7.70
CA LEU A 146 -2.22 15.42 -7.59
C LEU A 146 -0.88 15.41 -8.37
N ARG A 147 -0.78 16.24 -9.41
CA ARG A 147 0.44 16.25 -10.20
C ARG A 147 1.64 16.61 -9.32
N GLU A 148 1.43 17.60 -8.46
CA GLU A 148 2.47 18.13 -7.58
C GLU A 148 2.93 17.04 -6.62
N ILE A 149 1.95 16.27 -6.12
CA ILE A 149 2.23 15.20 -5.17
C ILE A 149 3.04 14.07 -5.82
N GLY A 150 2.63 13.61 -7.02
CA GLY A 150 3.41 12.66 -7.81
C GLY A 150 4.83 13.16 -8.06
N ALA A 151 4.92 14.41 -8.51
CA ALA A 151 6.24 15.06 -8.71
C ALA A 151 7.17 15.05 -7.47
N ALA A 152 6.62 15.37 -6.31
CA ALA A 152 7.42 15.39 -5.06
C ALA A 152 7.93 14.00 -4.63
N ILE A 153 7.08 12.99 -4.79
CA ILE A 153 7.47 11.62 -4.47
C ILE A 153 8.64 11.24 -5.34
N GLN A 154 8.50 11.48 -6.65
CA GLN A 154 9.50 11.09 -7.62
C GLN A 154 10.82 11.77 -7.31
N LYS A 155 10.77 13.06 -7.04
CA LYS A 155 11.97 13.85 -6.77
C LYS A 155 12.72 13.29 -5.55
N PHE A 156 11.98 13.04 -4.48
CA PHE A 156 12.53 12.49 -3.25
C PHE A 156 13.20 11.13 -3.49
N VAL A 157 12.47 10.22 -4.13
CA VAL A 157 12.91 8.85 -4.34
C VAL A 157 14.18 8.81 -5.20
N GLU A 158 14.16 9.55 -6.29
CA GLU A 158 15.25 9.52 -7.23
C GLU A 158 16.51 10.17 -6.66
N ALA A 159 16.34 11.13 -5.75
CA ALA A 159 17.49 11.77 -5.09
C ALA A 159 18.23 10.76 -4.22
N GLU A 160 17.56 9.64 -3.91
CA GLU A 160 18.15 8.51 -3.21
C GLU A 160 18.83 7.51 -4.15
N GLY A 161 18.76 7.76 -5.46
CA GLY A 161 19.30 6.82 -6.43
C GLY A 161 18.36 5.65 -6.66
N PHE A 162 17.11 5.79 -6.17
CA PHE A 162 16.03 4.84 -6.44
C PHE A 162 15.13 5.26 -7.62
N SER A 163 14.21 4.38 -8.03
CA SER A 163 13.30 4.69 -9.15
C SER A 163 11.85 4.41 -8.75
N VAL A 164 10.93 5.06 -9.45
CA VAL A 164 9.48 4.92 -9.18
C VAL A 164 8.83 4.05 -10.26
N VAL A 165 8.11 3.02 -9.84
CA VAL A 165 7.36 2.18 -10.76
C VAL A 165 6.20 2.96 -11.39
N ARG A 166 6.08 2.87 -12.73
CA ARG A 166 5.13 3.69 -13.45
C ARG A 166 3.81 2.96 -13.67
N GLU A 167 3.84 1.63 -13.75
CA GLU A 167 2.66 0.87 -14.18
C GLU A 167 1.54 0.78 -13.15
N TYR A 168 1.86 1.16 -11.92
CA TYR A 168 0.94 1.04 -10.77
C TYR A 168 0.80 2.38 -10.06
N CYS A 169 -0.37 2.61 -9.47
CA CYS A 169 -0.67 3.88 -8.85
C CYS A 169 -1.70 3.73 -7.74
N GLY A 170 -1.80 4.78 -6.93
CA GLY A 170 -2.88 4.88 -5.93
C GLY A 170 -4.16 5.23 -6.67
N HIS A 171 -5.26 5.31 -5.94
CA HIS A 171 -6.55 5.34 -6.63
C HIS A 171 -7.64 5.80 -5.66
N GLY A 172 -8.69 6.41 -6.23
CA GLY A 172 -9.93 6.65 -5.46
C GLY A 172 -10.41 5.30 -4.92
N ILE A 173 -11.19 5.35 -3.84
CA ILE A 173 -11.62 4.11 -3.16
C ILE A 173 -12.89 4.45 -2.37
N GLY A 174 -13.77 3.47 -2.25
CA GLY A 174 -15.02 3.67 -1.51
C GLY A 174 -15.83 2.40 -1.54
N ARG A 175 -17.01 2.47 -2.17
CA ARG A 175 -17.77 1.26 -2.46
C ARG A 175 -17.14 0.45 -3.58
N GLY A 176 -16.31 1.12 -4.41
CA GLY A 176 -15.44 0.41 -5.35
C GLY A 176 -14.02 0.29 -4.78
N PHE A 177 -13.26 -0.65 -5.33
CA PHE A 177 -11.89 -0.93 -4.90
C PHE A 177 -10.95 0.08 -5.59
N HIS A 178 -10.87 0.04 -6.93
CA HIS A 178 -10.01 1.00 -7.65
C HIS A 178 -10.86 1.98 -8.44
N GLU A 179 -11.22 3.10 -7.82
CA GLU A 179 -12.04 4.17 -8.42
C GLU A 179 -11.15 5.29 -8.97
N GLU A 180 -11.74 6.20 -9.76
CA GLU A 180 -11.10 7.48 -10.06
C GLU A 180 -10.94 8.32 -8.77
N PRO A 181 -9.88 9.17 -8.69
CA PRO A 181 -8.80 9.42 -9.66
C PRO A 181 -7.66 8.38 -9.62
N GLN A 182 -6.84 8.34 -10.67
CA GLN A 182 -5.51 7.72 -10.59
C GLN A 182 -4.55 8.64 -9.83
N VAL A 183 -3.79 8.08 -8.90
CA VAL A 183 -2.86 8.84 -8.09
C VAL A 183 -1.44 8.39 -8.48
N LEU A 184 -0.90 9.00 -9.52
CA LEU A 184 0.46 8.65 -9.93
C LEU A 184 1.53 9.10 -8.91
N HIS A 185 2.61 8.34 -8.80
CA HIS A 185 3.70 8.63 -7.85
C HIS A 185 4.90 9.27 -8.53
N TYR A 186 4.65 9.89 -9.68
CA TYR A 186 5.70 10.55 -10.46
C TYR A 186 5.06 11.71 -11.21
N ASP A 187 5.87 12.64 -11.74
CA ASP A 187 5.27 13.74 -12.49
C ASP A 187 4.80 13.32 -13.88
N SER A 188 3.52 13.55 -14.14
CA SER A 188 2.93 13.23 -15.45
C SER A 188 2.18 14.41 -16.00
N ARG A 189 2.47 14.67 -17.26
CA ARG A 189 1.84 15.72 -18.01
C ARG A 189 0.35 15.45 -18.19
N GLU A 190 -0.09 14.21 -17.92
CA GLU A 190 -1.50 13.85 -17.95
C GLU A 190 -2.27 14.24 -16.68
N THR A 191 -1.57 14.32 -15.55
CA THR A 191 -2.28 14.49 -14.29
C THR A 191 -2.78 15.91 -14.05
N ASN A 192 -4.09 16.03 -13.87
CA ASN A 192 -4.72 17.28 -13.51
C ASN A 192 -5.95 16.97 -12.70
N VAL A 193 -5.76 16.96 -11.38
CA VAL A 193 -6.83 16.64 -10.44
C VAL A 193 -6.58 17.49 -9.22
N VAL A 194 -7.47 18.45 -8.95
CA VAL A 194 -7.32 19.34 -7.80
C VAL A 194 -8.12 18.73 -6.68
N LEU A 195 -7.52 18.69 -5.49
CA LEU A 195 -8.10 17.97 -4.37
C LEU A 195 -9.23 18.78 -3.78
N LYS A 196 -10.24 18.06 -3.29
CA LYS A 196 -11.45 18.63 -2.70
C LYS A 196 -11.78 17.87 -1.42
N PRO A 197 -12.36 18.55 -0.42
CA PRO A 197 -12.71 17.89 0.84
C PRO A 197 -13.66 16.73 0.59
N GLY A 198 -13.46 15.65 1.33
CA GLY A 198 -14.32 14.47 1.22
C GLY A 198 -13.89 13.44 0.18
N MET A 199 -12.87 13.75 -0.62
CA MET A 199 -12.34 12.77 -1.57
C MET A 199 -11.60 11.72 -0.73
N THR A 200 -11.79 10.46 -1.06
CA THR A 200 -11.07 9.37 -0.41
C THR A 200 -10.24 8.64 -1.47
N PHE A 201 -8.95 8.47 -1.20
CA PHE A 201 -8.09 7.76 -2.17
C PHE A 201 -6.86 7.22 -1.43
N THR A 202 -6.05 6.46 -2.17
CA THR A 202 -4.86 5.85 -1.61
C THR A 202 -3.60 6.50 -2.17
N ILE A 203 -2.50 6.33 -1.43
CA ILE A 203 -1.19 6.70 -1.97
C ILE A 203 -0.34 5.49 -1.64
N GLU A 204 0.40 5.01 -2.63
CA GLU A 204 1.03 3.69 -2.56
C GLU A 204 2.31 3.53 -3.42
N PRO A 205 3.30 4.39 -3.17
CA PRO A 205 4.48 4.44 -4.01
C PRO A 205 5.19 3.12 -4.00
N MET A 206 5.58 2.65 -5.19
CA MET A 206 6.36 1.39 -5.33
C MET A 206 7.72 1.85 -5.85
N VAL A 207 8.75 1.53 -5.08
CA VAL A 207 10.07 2.12 -5.31
C VAL A 207 11.09 0.98 -5.52
N ASN A 208 11.86 1.08 -6.60
CA ASN A 208 12.88 0.08 -6.93
C ASN A 208 14.28 0.58 -6.60
N ALA A 209 15.12 -0.28 -6.01
CA ALA A 209 16.52 0.07 -5.76
C ALA A 209 17.25 0.36 -7.09
N GLY A 210 16.92 -0.42 -8.11
CA GLY A 210 17.52 -0.30 -9.45
C GLY A 210 16.65 0.49 -10.41
N LYS A 211 16.46 -0.07 -11.60
CA LYS A 211 15.75 0.59 -12.68
C LYS A 211 14.22 0.42 -12.52
N LYS A 212 13.48 1.35 -13.11
CA LYS A 212 12.02 1.41 -12.98
C LYS A 212 11.29 0.28 -13.70
N GLU A 213 11.91 -0.30 -14.73
CA GLU A 213 11.20 -1.29 -15.57
C GLU A 213 10.80 -2.57 -14.82
N ILE A 214 9.62 -3.09 -15.15
CA ILE A 214 9.12 -4.31 -14.52
C ILE A 214 8.94 -5.48 -15.51
N ARG A 215 8.67 -6.66 -14.96
CA ARG A 215 8.34 -7.85 -15.74
C ARG A 215 7.20 -8.56 -15.04
N THR A 216 6.17 -8.95 -15.79
CA THR A 216 5.12 -9.76 -15.22
C THR A 216 5.47 -11.23 -15.51
N MET A 217 5.20 -12.06 -14.51
CA MET A 217 5.51 -13.48 -14.54
C MET A 217 4.40 -14.22 -15.30
N LYS A 218 4.41 -15.54 -15.22
CA LYS A 218 3.49 -16.34 -16.03
C LYS A 218 2.27 -16.88 -15.29
N ASP A 219 1.97 -16.30 -14.12
CA ASP A 219 0.83 -16.74 -13.33
C ASP A 219 -0.28 -15.72 -13.40
N GLY A 220 -0.09 -14.74 -14.29
CA GLY A 220 -1.05 -13.67 -14.51
C GLY A 220 -1.06 -12.56 -13.49
N TRP A 221 -0.14 -12.62 -12.51
CA TRP A 221 -0.20 -11.69 -11.37
C TRP A 221 1.14 -11.13 -10.91
N THR A 222 2.08 -12.02 -10.60
CA THR A 222 3.35 -11.63 -9.97
C THR A 222 4.16 -10.70 -10.86
N VAL A 223 4.54 -9.57 -10.30
CA VAL A 223 5.37 -8.57 -10.98
C VAL A 223 6.72 -8.49 -10.31
N LYS A 224 7.80 -8.50 -11.10
CA LYS A 224 9.16 -8.34 -10.55
C LYS A 224 9.83 -7.16 -11.21
N THR A 225 10.93 -6.69 -10.61
CA THR A 225 11.78 -5.73 -11.28
C THR A 225 12.44 -6.43 -12.46
N LYS A 226 12.49 -5.77 -13.62
CA LYS A 226 13.17 -6.35 -14.78
C LYS A 226 14.64 -6.69 -14.45
N ASP A 227 15.34 -5.78 -13.76
CA ASP A 227 16.76 -6.02 -13.34
C ASP A 227 16.92 -6.88 -12.07
N ARG A 228 15.79 -7.29 -11.49
CA ARG A 228 15.78 -8.09 -10.25
C ARG A 228 16.40 -7.39 -9.01
N SER A 229 16.41 -6.05 -9.04
CA SER A 229 16.72 -5.22 -7.88
C SER A 229 15.56 -5.28 -6.85
N LEU A 230 15.86 -4.93 -5.60
CA LEU A 230 14.83 -4.90 -4.55
C LEU A 230 13.76 -3.84 -4.88
N SER A 231 12.54 -4.07 -4.42
CA SER A 231 11.46 -3.08 -4.58
C SER A 231 10.61 -3.07 -3.29
N ALA A 232 10.20 -1.89 -2.85
CA ALA A 232 9.43 -1.75 -1.62
C ALA A 232 8.21 -0.87 -1.91
N GLN A 233 7.20 -1.00 -1.05
CA GLN A 233 5.95 -0.23 -1.15
C GLN A 233 5.35 -0.04 0.26
N TYR A 234 4.75 1.13 0.52
CA TYR A 234 3.87 1.36 1.65
C TYR A 234 2.62 2.03 1.11
N GLU A 235 1.47 1.80 1.77
CA GLU A 235 0.21 2.36 1.26
C GLU A 235 -0.68 2.76 2.43
N HIS A 236 -1.32 3.92 2.31
CA HIS A 236 -2.43 4.28 3.23
C HIS A 236 -3.62 4.75 2.40
N THR A 237 -4.80 4.51 2.97
CA THR A 237 -6.06 5.14 2.54
C THR A 237 -6.31 6.43 3.33
N ILE A 238 -6.70 7.50 2.63
CA ILE A 238 -6.94 8.80 3.27
C ILE A 238 -8.26 9.43 2.83
N VAL A 239 -8.73 10.36 3.64
CA VAL A 239 -9.82 11.27 3.27
C VAL A 239 -9.26 12.72 3.27
N VAL A 240 -9.56 13.50 2.24
CA VAL A 240 -9.17 14.92 2.28
C VAL A 240 -10.12 15.62 3.26
N THR A 241 -9.54 16.42 4.14
CA THR A 241 -10.33 17.21 5.10
C THR A 241 -10.41 18.66 4.62
N ASP A 242 -11.01 19.53 5.42
CA ASP A 242 -11.15 20.96 5.05
C ASP A 242 -9.80 21.64 4.85
N ASN A 243 -8.79 21.14 5.59
CA ASN A 243 -7.52 21.80 5.83
C ASN A 243 -6.30 20.87 5.68
N GLY A 244 -6.51 19.67 5.13
CA GLY A 244 -5.43 18.68 5.12
C GLY A 244 -5.93 17.30 4.84
N CYS A 245 -5.56 16.33 5.68
CA CYS A 245 -6.15 15.00 5.56
C CYS A 245 -6.22 14.18 6.86
N GLU A 246 -6.91 13.05 6.76
CA GLU A 246 -6.96 12.09 7.86
C GLU A 246 -6.60 10.70 7.31
N ILE A 247 -5.63 10.04 7.95
CA ILE A 247 -5.18 8.71 7.51
C ILE A 247 -6.11 7.67 8.12
N LEU A 248 -6.85 6.97 7.26
CA LEU A 248 -7.88 6.00 7.71
C LEU A 248 -7.29 4.63 8.09
N THR A 249 -6.09 4.35 7.59
CA THR A 249 -5.45 3.05 7.83
C THR A 249 -4.21 3.14 8.77
N LEU A 250 -4.19 4.12 9.67
CA LEU A 250 -3.02 4.31 10.53
C LEU A 250 -2.78 3.11 11.48
N ARG A 251 -1.50 2.74 11.67
CA ARG A 251 -1.08 1.64 12.57
C ARG A 251 -0.34 2.20 13.77
N LYS A 252 -0.29 1.40 14.84
CA LYS A 252 0.52 1.73 16.00
C LYS A 252 1.96 2.10 15.63
N ASP A 253 2.53 1.45 14.62
CA ASP A 253 3.95 1.64 14.31
C ASP A 253 4.24 2.77 13.32
N ASP A 254 3.18 3.41 12.84
CA ASP A 254 3.32 4.60 11.97
C ASP A 254 3.92 5.75 12.77
N THR A 255 4.92 6.42 12.18
CA THR A 255 5.56 7.63 12.79
C THR A 255 5.06 8.89 12.09
N ILE A 256 3.74 8.96 11.93
CA ILE A 256 2.99 10.11 11.41
C ILE A 256 1.60 10.07 12.06
N PRO A 257 1.03 11.24 12.42
CA PRO A 257 -0.26 11.28 13.11
C PRO A 257 -1.41 11.00 12.19
N ALA A 258 -2.54 10.56 12.76
CA ALA A 258 -3.72 10.25 11.96
C ALA A 258 -4.21 11.48 11.23
N ILE A 259 -4.45 12.56 11.98
CA ILE A 259 -4.98 13.79 11.40
C ILE A 259 -3.80 14.73 11.12
N ILE A 260 -3.67 15.14 9.85
CA ILE A 260 -2.66 16.10 9.40
C ILE A 260 -3.40 17.40 9.05
N SER A 261 -3.16 18.43 9.84
CA SER A 261 -3.85 19.73 9.70
C SER A 261 -2.88 20.81 9.22
N HIS A 262 -3.36 21.71 8.35
CA HIS A 262 -2.56 22.84 7.86
C HIS A 262 -3.12 24.18 8.37
MN MN B . -3.36 -2.12 -1.66
MN MN C . -4.41 0.48 -3.32
MN MN D . -3.38 -4.34 -6.43
NA NA E . 9.63 -6.20 -3.24
O2 QMS F . -4.89 -6.44 -4.49
S1 QMS F . -5.40 -6.90 -5.79
O1 QMS F . -4.71 -8.15 -6.10
C7 QMS F . -6.98 -7.25 -5.71
N1 QMS F . -5.06 -5.74 -6.83
C3 QMS F . -5.55 -5.61 -8.09
C2 QMS F . -6.38 -6.61 -8.62
C4 QMS F . -5.17 -4.50 -8.85
N2 QMS F . -4.36 -3.51 -8.36
C8 QMS F . -4.02 -2.45 -9.11
C9 QMS F . -4.52 -2.29 -10.41
C10 QMS F . -5.36 -3.27 -10.94
C5 QMS F . -5.68 -4.38 -10.15
C6 QMS F . -6.52 -5.38 -10.67
C1 QMS F . -6.86 -6.48 -9.92
#